data_7Z4N
#
_entry.id   7Z4N
#
_cell.length_a   79.890
_cell.length_b   112.400
_cell.length_c   131.970
_cell.angle_alpha   90.000
_cell.angle_beta   90.000
_cell.angle_gamma   90.000
#
_symmetry.space_group_name_H-M   'I 2 2 2'
#
loop_
_entity.id
_entity.type
_entity.pdbx_description
1 polymer 'Pyruvate kinase'
2 non-polymer 'MAGNESIUM ION'
3 non-polymer 'POTASSIUM ION'
4 non-polymer 'PYRUVIC ACID'
5 non-polymer DI(HYDROXYETHYL)ETHER
6 non-polymer GLYCEROL
7 non-polymer '2-(N-MORPHOLINO)-ETHANESULFONIC ACID'
8 water water
#
_entity_poly.entity_id   1
_entity_poly.type   'polypeptide(L)'
_entity_poly.pdbx_seq_one_letter_code
;MSSFKYKNSAAGASMQSAANITLRQILEPNNVNLRSKKTHIVCTLGPACKSVETLVKLIDAGMDICRFNFSHGSHEDHKE
MFNNVLKAQELRPNCLLGMLLDTKGPEIRTGFLKNKEVHLKEGSKLKLVTDYEFLGDETCIACSYKKLPQSVKPGNIILI
ADGSVSCKVLETHEDHVITEVLNSAVIGERKNMNLPNVKVDLPIISEKDKNDILNFAIPMGCNFIAASFIQSADDVRLIR
NLLGPRGRHIKIIPKIENIEGIIHFDKILAESDGIMIARGDLGMEISPEKVFLAQKLMISKCNLQGKPIITATQMLESMT
KNPRPTRAEVTDVANAVLDGTDCVMLSGETAGGKFPVEAVTIMSKICLEAEACIDYKLLYQSLVNAIETPISVQEAVARS
AVETAESIQASLIIALTETGYTARLIAKYKPSCTILALSASDSTVKCLNVHRGVTCIKVGSFQGTDIVIRNAIEIAKQRN
MAKVGDSVIAIHGIKEEVSGGTNLMKVVQIELEHHHHHH
;
_entity_poly.pdbx_strand_id   A
#
# COMPACT_ATOMS: atom_id res chain seq x y z
N ALA A 11 -15.21 17.39 -12.33
CA ALA A 11 -14.38 16.45 -13.07
C ALA A 11 -14.07 15.23 -12.20
N GLY A 12 -13.64 15.48 -10.95
CA GLY A 12 -13.36 14.38 -10.03
C GLY A 12 -14.10 14.48 -8.70
N ALA A 13 -15.37 14.10 -8.65
CA ALA A 13 -16.08 14.16 -7.38
C ALA A 13 -15.44 13.17 -6.40
N SER A 14 -15.14 13.66 -5.20
CA SER A 14 -14.46 12.87 -4.19
C SER A 14 -15.14 13.19 -2.88
N MET A 15 -15.41 12.15 -2.11
CA MET A 15 -16.19 12.33 -0.91
C MET A 15 -15.77 11.31 0.12
N GLN A 16 -15.65 11.73 1.37
CA GLN A 16 -15.45 10.80 2.46
C GLN A 16 -16.75 10.18 2.86
N SER A 17 -16.66 9.00 3.45
CA SER A 17 -17.89 8.40 3.97
C SER A 17 -18.40 9.24 5.14
N ALA A 18 -19.72 9.41 5.20
CA ALA A 18 -20.35 10.02 6.36
C ALA A 18 -20.10 9.17 7.60
N ALA A 19 -19.91 9.85 8.75
CA ALA A 19 -19.68 9.22 10.04
C ALA A 19 -20.83 9.52 11.01
N ASN A 20 -21.20 8.52 11.81
CA ASN A 20 -22.11 8.70 12.94
C ASN A 20 -21.25 8.51 14.18
N ILE A 21 -20.89 9.61 14.84
CA ILE A 21 -19.94 9.59 15.95
C ILE A 21 -20.68 9.75 17.27
N THR A 22 -20.54 8.78 18.16
CA THR A 22 -21.27 8.77 19.41
C THR A 22 -20.31 9.03 20.57
N LEU A 23 -20.87 9.59 21.66
CA LEU A 23 -20.11 9.72 22.90
C LEU A 23 -19.57 8.37 23.35
N ARG A 24 -20.36 7.30 23.17
CA ARG A 24 -19.89 6.00 23.60
C ARG A 24 -18.62 5.61 22.87
N GLN A 25 -18.58 5.79 21.55
CA GLN A 25 -17.36 5.41 20.83
C GLN A 25 -16.16 6.25 21.25
N ILE A 26 -16.36 7.55 21.51
CA ILE A 26 -15.23 8.38 21.93
C ILE A 26 -14.73 7.93 23.30
N LEU A 27 -15.64 7.56 24.20
CA LEU A 27 -15.19 7.33 25.58
C LEU A 27 -14.90 5.88 25.93
N GLU A 28 -15.53 4.91 25.23
CA GLU A 28 -15.35 3.49 25.56
C GLU A 28 -14.18 2.91 24.77
N PRO A 29 -13.28 2.20 25.44
CA PRO A 29 -12.14 1.60 24.74
C PRO A 29 -12.54 0.49 23.79
N ASN A 30 -11.73 0.33 22.75
CA ASN A 30 -11.92 -0.73 21.77
C ASN A 30 -11.81 -2.10 22.43
N ASN A 31 -12.68 -3.01 22.02
CA ASN A 31 -12.76 -4.35 22.59
C ASN A 31 -12.62 -5.47 21.57
N VAL A 32 -12.08 -5.23 20.37
CA VAL A 32 -11.97 -6.29 19.39
C VAL A 32 -10.50 -6.58 19.09
N ASN A 33 -10.26 -7.81 18.63
CA ASN A 33 -8.94 -8.21 18.15
C ASN A 33 -8.46 -7.24 17.06
N LEU A 34 -7.18 -6.86 17.09
CA LEU A 34 -6.70 -5.93 16.06
C LEU A 34 -6.84 -6.51 14.66
N ARG A 35 -6.78 -7.83 14.52
CA ARG A 35 -6.81 -8.43 13.18
C ARG A 35 -8.25 -8.58 12.66
N SER A 36 -9.23 -8.11 13.43
CA SER A 36 -10.61 -8.05 12.94
C SER A 36 -10.86 -6.80 12.06
N LYS A 37 -9.88 -5.93 11.93
CA LYS A 37 -10.02 -4.69 11.18
C LYS A 37 -10.20 -5.01 9.70
N LYS A 38 -10.83 -4.08 9.00
CA LYS A 38 -11.03 -4.22 7.57
C LYS A 38 -9.89 -3.61 6.76
N THR A 39 -9.35 -2.47 7.20
CA THR A 39 -8.25 -1.84 6.49
C THR A 39 -7.00 -2.69 6.67
N HIS A 40 -6.27 -2.93 5.59
CA HIS A 40 -5.11 -3.80 5.70
C HIS A 40 -3.84 -2.97 5.76
N ILE A 41 -2.79 -3.54 6.34
CA ILE A 41 -1.55 -2.80 6.58
C ILE A 41 -0.38 -3.42 5.83
N VAL A 42 0.32 -2.59 5.06
CA VAL A 42 1.55 -2.96 4.40
C VAL A 42 2.67 -2.45 5.30
N CYS A 43 3.57 -3.35 5.72
CA CYS A 43 4.72 -2.99 6.54
C CYS A 43 5.99 -3.20 5.75
N THR A 44 6.86 -2.21 5.79
CA THR A 44 8.13 -2.31 5.11
C THR A 44 9.09 -3.01 6.07
N LEU A 45 9.76 -4.03 5.57
CA LEU A 45 10.68 -4.77 6.41
C LEU A 45 12.04 -4.09 6.39
N GLY A 46 12.76 -4.25 7.50
CA GLY A 46 14.10 -3.70 7.58
C GLY A 46 14.71 -4.17 8.89
N PRO A 47 15.86 -3.63 9.24
CA PRO A 47 16.58 -4.15 10.42
C PRO A 47 15.79 -4.03 11.70
N ALA A 48 14.88 -3.05 11.80
CA ALA A 48 14.10 -2.95 13.02
C ALA A 48 13.10 -4.10 13.20
N CYS A 49 12.70 -4.83 12.14
CA CYS A 49 11.84 -5.98 12.36
C CYS A 49 12.44 -7.25 11.78
N LYS A 50 13.77 -7.40 11.85
CA LYS A 50 14.43 -8.52 11.17
C LYS A 50 14.20 -9.87 11.88
N SER A 51 14.00 -9.87 13.19
CA SER A 51 13.85 -11.13 13.91
C SER A 51 12.49 -11.76 13.67
N VAL A 52 12.48 -13.10 13.62
CA VAL A 52 11.23 -13.86 13.59
C VAL A 52 10.31 -13.42 14.71
N GLU A 53 10.85 -13.23 15.93
CA GLU A 53 9.97 -12.83 17.03
C GLU A 53 9.28 -11.48 16.74
N THR A 54 10.03 -10.50 16.22
CA THR A 54 9.40 -9.21 15.95
C THR A 54 8.41 -9.31 14.79
N LEU A 55 8.72 -10.13 13.80
CA LEU A 55 7.80 -10.29 12.68
C LEU A 55 6.50 -10.92 13.15
N VAL A 56 6.57 -11.89 14.08
CA VAL A 56 5.34 -12.46 14.65
C VAL A 56 4.55 -11.41 15.41
N LYS A 57 5.24 -10.53 16.15
CA LYS A 57 4.52 -9.45 16.82
C LYS A 57 3.83 -8.50 15.83
N LEU A 58 4.46 -8.24 14.68
CA LEU A 58 3.81 -7.36 13.68
C LEU A 58 2.58 -8.04 13.07
N ILE A 59 2.65 -9.36 12.84
CA ILE A 59 1.45 -10.09 12.41
C ILE A 59 0.33 -9.88 13.40
N ASP A 60 0.61 -10.09 14.70
CA ASP A 60 -0.44 -9.96 15.72
C ASP A 60 -0.99 -8.55 15.84
N ALA A 61 -0.16 -7.55 15.55
CA ALA A 61 -0.53 -6.13 15.62
C ALA A 61 -1.40 -5.67 14.44
N GLY A 62 -1.46 -6.47 13.38
CA GLY A 62 -2.24 -6.14 12.18
C GLY A 62 -1.51 -6.13 10.83
N MET A 63 -0.26 -6.59 10.75
CA MET A 63 0.43 -6.62 9.46
C MET A 63 -0.16 -7.65 8.50
N ASP A 64 -0.47 -7.23 7.27
CA ASP A 64 -1.12 -8.07 6.26
C ASP A 64 -0.27 -8.31 5.04
N ILE A 65 0.57 -7.37 4.67
CA ILE A 65 1.41 -7.51 3.50
C ILE A 65 2.79 -7.06 3.92
N CYS A 66 3.80 -7.81 3.52
CA CYS A 66 5.21 -7.45 3.79
C CYS A 66 5.82 -6.81 2.56
N ARG A 67 6.37 -5.61 2.71
CA ARG A 67 6.94 -4.87 1.59
C ARG A 67 8.46 -5.01 1.63
N PHE A 68 9.04 -5.53 0.55
CA PHE A 68 10.50 -5.61 0.39
C PHE A 68 10.91 -4.44 -0.49
N ASN A 69 11.63 -3.47 0.07
CA ASN A 69 11.98 -2.25 -0.68
C ASN A 69 13.31 -2.49 -1.41
N PHE A 70 13.23 -2.78 -2.70
CA PHE A 70 14.47 -3.03 -3.45
C PHE A 70 15.21 -1.74 -3.82
N SER A 71 14.80 -0.57 -3.32
CA SER A 71 15.69 0.60 -3.37
C SER A 71 16.97 0.36 -2.58
N HIS A 72 16.94 -0.53 -1.59
CA HIS A 72 18.10 -0.84 -0.74
C HIS A 72 18.36 -2.34 -0.69
N GLY A 73 19.63 -2.70 -0.45
CA GLY A 73 19.95 -4.07 -0.11
C GLY A 73 20.15 -4.93 -1.33
N SER A 74 20.73 -6.11 -1.10
CA SER A 74 20.98 -7.08 -2.16
C SER A 74 19.92 -8.16 -2.17
N HIS A 75 19.94 -8.99 -3.23
CA HIS A 75 19.08 -10.16 -3.24
C HIS A 75 19.33 -11.06 -2.05
N GLU A 76 20.60 -11.21 -1.62
CA GLU A 76 20.84 -12.02 -0.43
C GLU A 76 20.26 -11.39 0.84
N ASP A 77 20.34 -10.06 0.97
CA ASP A 77 19.70 -9.41 2.12
C ASP A 77 18.20 -9.68 2.13
N HIS A 78 17.54 -9.48 0.99
CA HIS A 78 16.08 -9.66 0.95
C HIS A 78 15.70 -11.13 1.08
N LYS A 79 16.52 -12.05 0.55
CA LYS A 79 16.20 -13.46 0.69
C LYS A 79 16.30 -13.93 2.15
N GLU A 80 17.26 -13.40 2.90
CA GLU A 80 17.33 -13.73 4.33
C GLU A 80 16.09 -13.22 5.08
N MET A 81 15.73 -11.95 4.84
CA MET A 81 14.45 -11.42 5.34
C MET A 81 13.29 -12.30 4.95
N PHE A 82 13.24 -12.70 3.68
CA PHE A 82 12.12 -13.51 3.22
C PHE A 82 12.06 -14.81 4.01
N ASN A 83 13.22 -15.37 4.35
CA ASN A 83 13.26 -16.61 5.13
C ASN A 83 12.74 -16.41 6.54
N ASN A 84 13.13 -15.31 7.19
CA ASN A 84 12.54 -15.05 8.50
C ASN A 84 11.04 -14.79 8.42
N VAL A 85 10.57 -14.17 7.32
CA VAL A 85 9.12 -14.04 7.17
C VAL A 85 8.46 -15.41 7.03
N LEU A 86 9.07 -16.30 6.26
CA LEU A 86 8.46 -17.61 6.15
C LEU A 86 8.42 -18.34 7.49
N LYS A 87 9.45 -18.15 8.33
CA LYS A 87 9.36 -18.78 9.64
C LYS A 87 8.28 -18.12 10.49
N ALA A 88 8.15 -16.80 10.39
CA ALA A 88 7.08 -16.13 11.13
C ALA A 88 5.74 -16.59 10.63
N GLN A 89 5.63 -16.83 9.32
CA GLN A 89 4.37 -17.33 8.77
C GLN A 89 4.03 -18.70 9.33
N GLU A 90 5.06 -19.54 9.56
CA GLU A 90 4.79 -20.88 10.06
C GLU A 90 4.24 -20.83 11.47
N LEU A 91 4.63 -19.82 12.25
CA LEU A 91 4.08 -19.63 13.61
C LEU A 91 2.68 -19.00 13.62
N ARG A 92 2.22 -18.40 12.50
CA ARG A 92 0.87 -17.86 12.36
C ARG A 92 0.33 -18.35 11.02
N PRO A 93 0.13 -19.66 10.87
CA PRO A 93 -0.17 -20.23 9.56
C PRO A 93 -1.51 -19.81 8.98
N ASN A 94 -2.43 -19.32 9.79
CA ASN A 94 -3.74 -18.90 9.28
C ASN A 94 -3.83 -17.41 8.99
N CYS A 95 -2.75 -16.65 9.21
CA CYS A 95 -2.66 -15.23 8.89
C CYS A 95 -1.82 -15.11 7.63
N LEU A 96 -2.45 -15.36 6.48
CA LEU A 96 -1.71 -15.54 5.23
C LEU A 96 -1.25 -14.19 4.70
N LEU A 97 0.05 -13.95 4.71
CA LEU A 97 0.58 -12.65 4.36
C LEU A 97 0.83 -12.55 2.86
N GLY A 98 0.59 -11.37 2.28
CA GLY A 98 0.99 -11.13 0.89
C GLY A 98 2.41 -10.61 0.86
N MET A 99 3.11 -10.90 -0.22
CA MET A 99 4.50 -10.49 -0.30
C MET A 99 4.64 -9.51 -1.44
N LEU A 100 5.14 -8.32 -1.15
CA LEU A 100 5.19 -7.24 -2.14
C LEU A 100 6.63 -6.82 -2.42
N LEU A 101 7.01 -6.80 -3.69
CA LEU A 101 8.34 -6.28 -4.07
C LEU A 101 8.19 -4.85 -4.59
N ASP A 102 8.89 -3.92 -3.97
CA ASP A 102 8.80 -2.52 -4.35
C ASP A 102 10.05 -2.14 -5.14
N THR A 103 9.89 -1.82 -6.43
CA THR A 103 11.07 -1.63 -7.29
C THR A 103 11.85 -0.35 -6.99
N LYS A 104 13.16 -0.39 -7.30
CA LYS A 104 13.93 0.84 -7.17
C LYS A 104 13.46 1.87 -8.18
N GLY A 105 13.34 1.48 -9.43
CA GLY A 105 12.89 2.41 -10.44
C GLY A 105 13.98 3.46 -10.74
N PRO A 106 13.60 4.54 -11.39
CA PRO A 106 14.61 5.53 -11.83
C PRO A 106 15.01 6.51 -10.73
N GLU A 107 15.39 5.98 -9.57
CA GLU A 107 15.77 6.79 -8.40
C GLU A 107 17.03 7.58 -8.70
N ILE A 108 17.19 8.69 -7.98
CA ILE A 108 18.45 9.44 -8.00
C ILE A 108 18.89 9.59 -6.56
N ARG A 109 20.19 9.36 -6.29
CA ARG A 109 20.66 9.39 -4.92
C ARG A 109 22.00 10.12 -4.83
N THR A 110 22.26 10.71 -3.67
CA THR A 110 23.56 11.30 -3.39
C THR A 110 24.59 10.20 -3.14
N GLY A 111 25.86 10.54 -3.39
CA GLY A 111 26.97 9.65 -3.13
C GLY A 111 27.28 9.57 -1.65
N PHE A 112 28.48 9.06 -1.32
CA PHE A 112 28.87 8.99 0.08
C PHE A 112 29.70 10.21 0.45
N LEU A 113 29.95 10.32 1.76
CA LEU A 113 30.47 11.51 2.40
C LEU A 113 31.79 11.20 3.10
N LYS A 114 32.69 12.21 3.13
CA LYS A 114 33.99 11.99 3.76
C LYS A 114 33.83 11.59 5.22
N ASN A 115 32.85 12.17 5.91
CA ASN A 115 32.58 11.87 7.31
C ASN A 115 31.15 11.39 7.51
N LYS A 116 30.59 10.72 6.49
CA LYS A 116 29.31 10.03 6.58
C LYS A 116 28.11 10.97 6.72
N GLU A 117 28.32 12.17 7.27
CA GLU A 117 27.28 13.19 7.43
C GLU A 117 27.87 14.55 7.10
N VAL A 118 27.03 15.49 6.69
CA VAL A 118 27.48 16.86 6.41
C VAL A 118 26.44 17.86 6.88
N HIS A 119 26.92 19.02 7.31
CA HIS A 119 26.08 20.12 7.79
C HIS A 119 26.13 21.24 6.74
N LEU A 120 25.17 21.22 5.82
CA LEU A 120 25.03 22.32 4.88
C LEU A 120 24.45 23.54 5.59
N LYS A 121 24.93 24.73 5.20
CA LYS A 121 24.51 25.97 5.81
C LYS A 121 23.77 26.83 4.79
N GLU A 122 22.72 27.51 5.25
CA GLU A 122 21.89 28.26 4.33
C GLU A 122 22.70 29.37 3.68
N GLY A 123 22.48 29.58 2.38
CA GLY A 123 23.21 30.56 1.63
C GLY A 123 24.61 30.14 1.22
N SER A 124 25.11 29.03 1.74
CA SER A 124 26.39 28.49 1.32
C SER A 124 26.27 27.84 -0.06
N LYS A 125 27.40 27.78 -0.78
CA LYS A 125 27.39 27.15 -2.09
C LYS A 125 27.54 25.63 -1.96
N LEU A 126 26.94 24.91 -2.89
CA LEU A 126 27.15 23.47 -2.95
C LEU A 126 27.15 23.02 -4.39
N LYS A 127 28.19 22.29 -4.77
CA LYS A 127 28.26 21.81 -6.14
C LYS A 127 28.15 20.30 -6.10
N LEU A 128 27.51 19.76 -7.12
CA LEU A 128 27.32 18.33 -7.26
C LEU A 128 28.00 17.85 -8.53
N VAL A 129 28.61 16.68 -8.48
CA VAL A 129 29.38 16.20 -9.63
C VAL A 129 28.87 14.85 -10.11
N THR A 130 28.98 14.69 -11.44
CA THR A 130 28.53 13.51 -12.18
C THR A 130 29.31 12.26 -11.84
N ASP A 131 30.49 12.40 -11.24
CA ASP A 131 31.31 11.24 -10.93
C ASP A 131 30.88 10.67 -9.60
N TYR A 132 30.35 9.45 -9.61
CA TYR A 132 29.73 8.89 -8.41
C TYR A 132 30.72 8.33 -7.39
N GLU A 133 31.99 8.18 -7.73
CA GLU A 133 32.95 7.70 -6.76
C GLU A 133 33.57 8.81 -5.90
N PHE A 134 33.26 10.07 -6.16
CA PHE A 134 33.76 11.17 -5.33
C PHE A 134 33.22 11.02 -3.91
N LEU A 135 34.09 11.15 -2.90
CA LEU A 135 33.69 11.12 -1.50
C LEU A 135 33.57 12.56 -1.02
N GLY A 136 32.33 13.02 -0.87
CA GLY A 136 32.04 14.42 -0.67
C GLY A 136 32.13 14.89 0.77
N ASP A 137 31.75 16.16 0.95
CA ASP A 137 31.74 16.87 2.22
C ASP A 137 30.76 18.03 2.08
N GLU A 138 30.87 19.02 2.97
CA GLU A 138 29.97 20.17 2.95
C GLU A 138 30.11 21.03 1.70
N THR A 139 31.24 20.97 1.02
CA THR A 139 31.44 21.78 -0.18
C THR A 139 30.94 21.09 -1.43
N CYS A 140 30.88 19.76 -1.40
CA CYS A 140 30.86 18.90 -2.57
C CYS A 140 30.21 17.56 -2.31
N ILE A 141 29.29 17.14 -3.18
CA ILE A 141 28.67 15.82 -3.07
C ILE A 141 28.39 15.25 -4.47
N ALA A 142 28.51 13.92 -4.57
CA ALA A 142 28.23 13.11 -5.75
C ALA A 142 26.73 12.85 -5.92
N CYS A 143 26.32 12.59 -7.18
CA CYS A 143 24.94 12.32 -7.55
C CYS A 143 24.93 11.15 -8.53
N SER A 144 24.01 10.19 -8.32
CA SER A 144 24.04 8.96 -9.12
C SER A 144 23.52 9.15 -10.54
N TYR A 145 22.99 10.32 -10.89
CA TYR A 145 22.44 10.58 -12.22
C TYR A 145 23.48 11.25 -13.09
N LYS A 146 24.10 10.46 -13.99
CA LYS A 146 25.22 10.98 -14.75
C LYS A 146 24.84 12.21 -15.57
N LYS A 147 23.59 12.29 -16.03
CA LYS A 147 23.20 13.35 -16.94
C LYS A 147 22.53 14.51 -16.19
N LEU A 148 22.86 14.68 -14.90
CA LEU A 148 22.37 15.82 -14.12
C LEU A 148 22.70 17.17 -14.75
N PRO A 149 23.93 17.45 -15.19
CA PRO A 149 24.21 18.78 -15.78
C PRO A 149 23.38 19.14 -17.00
N GLN A 150 23.00 18.16 -17.82
CA GLN A 150 22.26 18.43 -19.03
C GLN A 150 20.75 18.46 -18.81
N SER A 151 20.28 18.07 -17.64
CA SER A 151 18.85 18.03 -17.36
C SER A 151 18.34 19.26 -16.61
N VAL A 152 19.17 19.87 -15.77
CA VAL A 152 18.79 21.06 -15.00
C VAL A 152 19.24 22.30 -15.74
N LYS A 153 18.42 23.34 -15.68
CA LYS A 153 18.75 24.67 -16.17
C LYS A 153 18.71 25.60 -14.97
N PRO A 154 19.40 26.74 -15.03
CA PRO A 154 19.49 27.58 -13.83
C PRO A 154 18.10 28.02 -13.35
N GLY A 155 17.93 28.01 -12.03
CA GLY A 155 16.67 28.34 -11.39
C GLY A 155 15.86 27.15 -10.90
N ASN A 156 16.13 25.94 -11.39
CA ASN A 156 15.41 24.77 -10.92
C ASN A 156 15.83 24.42 -9.50
N ILE A 157 14.93 23.79 -8.76
CA ILE A 157 15.19 23.43 -7.37
C ILE A 157 15.53 21.95 -7.28
N ILE A 158 16.57 21.64 -6.49
CA ILE A 158 17.00 20.27 -6.24
C ILE A 158 16.70 19.99 -4.78
N LEU A 159 15.97 18.90 -4.52
CA LEU A 159 15.64 18.52 -3.16
C LEU A 159 16.41 17.26 -2.80
N ILE A 160 16.95 17.23 -1.59
CA ILE A 160 17.70 16.08 -1.08
C ILE A 160 17.11 15.62 0.26
N ALA A 161 17.17 14.31 0.48
CA ALA A 161 16.73 13.65 1.71
C ALA A 161 15.30 14.06 2.05
N ASP A 162 14.37 13.57 1.21
CA ASP A 162 12.94 13.82 1.39
C ASP A 162 12.68 15.31 1.57
N GLY A 163 13.45 16.13 0.84
CA GLY A 163 13.27 17.57 0.97
C GLY A 163 13.75 18.17 2.27
N SER A 164 14.58 17.47 3.04
CA SER A 164 15.07 18.09 4.27
C SER A 164 15.97 19.29 3.97
N VAL A 165 16.56 19.35 2.78
CA VAL A 165 17.26 20.52 2.29
C VAL A 165 16.88 20.72 0.84
N SER A 166 16.83 21.98 0.39
CA SER A 166 16.61 22.29 -1.02
C SER A 166 17.73 23.19 -1.53
N CYS A 167 18.03 23.05 -2.82
CA CYS A 167 19.14 23.76 -3.46
C CYS A 167 18.64 24.36 -4.75
N LYS A 168 18.90 25.65 -4.96
CA LYS A 168 18.53 26.31 -6.20
C LYS A 168 19.69 26.21 -7.18
N VAL A 169 19.40 25.69 -8.37
CA VAL A 169 20.40 25.54 -9.43
C VAL A 169 20.78 26.91 -9.96
N LEU A 170 21.87 27.47 -9.43
CA LEU A 170 22.41 28.72 -9.92
C LEU A 170 23.17 28.56 -11.23
N GLU A 171 23.47 27.33 -11.64
CA GLU A 171 24.60 27.11 -12.50
C GLU A 171 24.50 25.74 -13.17
N THR A 172 25.18 25.59 -14.31
CA THR A 172 25.34 24.27 -14.89
C THR A 172 26.48 24.30 -15.90
N HIS A 173 27.22 23.19 -15.97
CA HIS A 173 28.33 23.02 -16.91
C HIS A 173 28.25 21.59 -17.46
N GLU A 174 29.26 21.20 -18.23
CA GLU A 174 29.28 19.84 -18.79
C GLU A 174 29.48 18.78 -17.73
N ASP A 175 30.20 19.10 -16.64
CA ASP A 175 30.67 18.12 -15.67
C ASP A 175 30.02 18.21 -14.29
N HIS A 176 29.25 19.26 -14.01
CA HIS A 176 28.81 19.54 -12.65
C HIS A 176 27.71 20.59 -12.67
N VAL A 177 27.13 20.82 -11.49
CA VAL A 177 26.15 21.85 -11.22
C VAL A 177 26.59 22.60 -9.97
N ILE A 178 26.32 23.91 -9.92
CA ILE A 178 26.55 24.71 -8.72
C ILE A 178 25.20 25.16 -8.18
N THR A 179 25.02 25.03 -6.88
CA THR A 179 23.75 25.36 -6.23
C THR A 179 24.06 26.13 -4.97
N GLU A 180 23.08 26.92 -4.55
CA GLU A 180 23.09 27.58 -3.25
C GLU A 180 22.14 26.84 -2.32
N VAL A 181 22.65 26.45 -1.15
CA VAL A 181 21.84 25.81 -0.12
C VAL A 181 20.78 26.79 0.36
N LEU A 182 19.50 26.39 0.25
CA LEU A 182 18.42 27.28 0.69
C LEU A 182 18.05 27.13 2.16
N ASN A 183 18.57 26.12 2.87
CA ASN A 183 18.34 25.97 4.29
C ASN A 183 19.43 25.09 4.89
N SER A 184 19.68 25.27 6.18
CA SER A 184 20.69 24.46 6.85
C SER A 184 20.12 23.12 7.29
N ALA A 185 20.93 22.08 7.20
CA ALA A 185 20.47 20.74 7.50
C ALA A 185 21.66 19.82 7.67
N VAL A 186 21.50 18.81 8.53
CA VAL A 186 22.42 17.67 8.56
C VAL A 186 21.90 16.64 7.58
N ILE A 187 22.78 16.13 6.72
CA ILE A 187 22.42 15.27 5.61
C ILE A 187 23.30 14.04 5.67
N GLY A 188 22.71 12.86 5.63
CA GLY A 188 23.43 11.62 5.70
C GLY A 188 23.87 11.07 4.35
N GLU A 189 24.20 9.78 4.36
CA GLU A 189 24.64 9.01 3.21
C GLU A 189 23.49 8.55 2.31
N ARG A 190 23.77 8.45 1.00
CA ARG A 190 22.90 7.73 0.06
C ARG A 190 21.43 8.18 0.14
N LYS A 191 21.20 9.49 0.21
CA LYS A 191 19.85 10.04 0.30
C LYS A 191 19.26 10.30 -1.09
N ASN A 192 17.94 10.24 -1.17
CA ASN A 192 17.27 10.43 -2.46
C ASN A 192 17.28 11.91 -2.88
N MET A 193 17.17 12.14 -4.19
CA MET A 193 17.11 13.49 -4.72
C MET A 193 15.96 13.60 -5.71
N ASN A 194 15.23 14.72 -5.63
CA ASN A 194 14.15 15.02 -6.55
C ASN A 194 14.56 16.20 -7.42
N LEU A 195 14.17 16.14 -8.69
CA LEU A 195 14.41 17.19 -9.67
C LEU A 195 13.04 17.58 -10.24
N PRO A 196 12.25 18.32 -9.47
CA PRO A 196 10.88 18.65 -9.92
C PRO A 196 10.89 19.47 -11.20
N ASN A 197 9.93 19.15 -12.09
CA ASN A 197 9.72 19.88 -13.34
C ASN A 197 10.95 19.83 -14.24
N VAL A 198 11.63 18.68 -14.22
CA VAL A 198 12.78 18.38 -15.07
C VAL A 198 12.61 16.97 -15.61
N LYS A 199 12.83 16.82 -16.92
CA LYS A 199 12.78 15.51 -17.58
C LYS A 199 14.04 14.76 -17.23
N VAL A 200 13.92 13.67 -16.46
CA VAL A 200 15.06 12.85 -16.10
C VAL A 200 15.20 11.74 -17.13
N ASP A 201 16.42 11.54 -17.63
CA ASP A 201 16.63 10.57 -18.69
C ASP A 201 17.09 9.24 -18.07
N LEU A 202 16.13 8.55 -17.46
CA LEU A 202 16.38 7.23 -16.90
C LEU A 202 15.23 6.32 -17.28
N PRO A 203 15.49 5.02 -17.49
CA PRO A 203 14.40 4.10 -17.83
C PRO A 203 13.41 3.95 -16.69
N ILE A 204 12.13 3.83 -17.05
CA ILE A 204 11.14 3.65 -15.99
C ILE A 204 11.32 2.27 -15.34
N ILE A 205 11.59 1.27 -16.16
CA ILE A 205 11.84 -0.09 -15.72
C ILE A 205 13.29 -0.35 -16.13
N SER A 206 14.19 -0.35 -15.17
CA SER A 206 15.60 -0.49 -15.46
C SER A 206 15.97 -1.96 -15.57
N GLU A 207 17.21 -2.21 -16.02
CA GLU A 207 17.73 -3.58 -15.97
C GLU A 207 17.69 -4.16 -14.57
N LYS A 208 18.11 -3.39 -13.57
CA LYS A 208 18.04 -3.88 -12.20
C LYS A 208 16.60 -4.24 -11.82
N ASP A 209 15.65 -3.37 -12.19
CA ASP A 209 14.24 -3.67 -11.91
C ASP A 209 13.81 -4.98 -12.56
N LYS A 210 14.18 -5.18 -13.85
CA LYS A 210 13.74 -6.39 -14.54
C LYS A 210 14.34 -7.62 -13.90
N ASN A 211 15.59 -7.53 -13.46
CA ASN A 211 16.17 -8.67 -12.78
C ASN A 211 15.63 -8.86 -11.35
N ASP A 212 15.25 -7.80 -10.62
CA ASP A 212 14.58 -8.03 -9.34
C ASP A 212 13.24 -8.72 -9.56
N ILE A 213 12.47 -8.28 -10.57
CA ILE A 213 11.18 -8.93 -10.82
C ILE A 213 11.36 -10.38 -11.26
N LEU A 214 12.27 -10.63 -12.23
CA LEU A 214 12.41 -11.96 -12.83
C LEU A 214 13.22 -12.93 -11.95
N ASN A 215 14.26 -12.46 -11.28
CA ASN A 215 15.13 -13.39 -10.54
C ASN A 215 14.86 -13.39 -9.05
N PHE A 216 13.95 -12.54 -8.57
CA PHE A 216 13.58 -12.61 -7.17
C PHE A 216 12.07 -12.78 -7.01
N ALA A 217 11.28 -11.84 -7.53
CA ALA A 217 9.83 -11.89 -7.24
C ALA A 217 9.20 -13.16 -7.82
N ILE A 218 9.59 -13.58 -9.02
CA ILE A 218 8.97 -14.79 -9.60
C ILE A 218 9.41 -16.03 -8.82
N PRO A 219 10.71 -16.34 -8.73
CA PRO A 219 11.11 -17.54 -7.95
C PRO A 219 10.74 -17.52 -6.49
N MET A 220 10.77 -16.37 -5.84
CA MET A 220 10.47 -16.35 -4.41
C MET A 220 8.96 -16.42 -4.14
N GLY A 221 8.13 -16.24 -5.17
CA GLY A 221 6.69 -16.24 -4.94
C GLY A 221 6.04 -14.95 -4.43
N CYS A 222 6.60 -13.78 -4.77
CA CYS A 222 5.97 -12.52 -4.41
C CYS A 222 4.62 -12.41 -5.06
N ASN A 223 3.71 -11.70 -4.40
CA ASN A 223 2.35 -11.56 -4.94
C ASN A 223 2.09 -10.24 -5.65
N PHE A 224 2.84 -9.18 -5.32
CA PHE A 224 2.66 -7.86 -5.92
C PHE A 224 3.99 -7.28 -6.34
N ILE A 225 4.00 -6.59 -7.48
CA ILE A 225 5.10 -5.71 -7.86
C ILE A 225 4.59 -4.29 -7.71
N ALA A 226 5.17 -3.51 -6.83
CA ALA A 226 4.87 -2.10 -6.70
C ALA A 226 5.93 -1.37 -7.51
N ALA A 227 5.54 -0.86 -8.68
CA ALA A 227 6.51 -0.36 -9.66
C ALA A 227 6.68 1.14 -9.49
N SER A 228 7.91 1.58 -9.25
CA SER A 228 8.14 2.99 -8.94
C SER A 228 8.06 3.90 -10.17
N PHE A 229 7.58 5.13 -9.94
CA PHE A 229 7.59 6.20 -10.94
C PHE A 229 6.89 5.82 -12.25
N ILE A 230 5.83 5.02 -12.19
CA ILE A 230 5.14 4.63 -13.42
C ILE A 230 4.55 5.88 -14.09
N GLN A 231 4.65 5.96 -15.44
CA GLN A 231 4.25 7.15 -16.17
C GLN A 231 3.20 6.91 -17.23
N SER A 232 2.94 5.65 -17.60
CA SER A 232 2.02 5.45 -18.69
C SER A 232 1.46 4.05 -18.60
N ALA A 233 0.36 3.85 -19.31
CA ALA A 233 -0.19 2.52 -19.41
C ALA A 233 0.81 1.57 -20.07
N ASP A 234 1.67 2.08 -20.95
CA ASP A 234 2.66 1.24 -21.61
C ASP A 234 3.68 0.66 -20.62
N ASP A 235 4.03 1.41 -19.56
CA ASP A 235 4.94 0.87 -18.55
C ASP A 235 4.33 -0.34 -17.87
N VAL A 236 3.02 -0.27 -17.57
CA VAL A 236 2.35 -1.41 -16.97
C VAL A 236 2.32 -2.58 -17.92
N ARG A 237 2.00 -2.33 -19.21
CA ARG A 237 1.94 -3.43 -20.15
C ARG A 237 3.31 -4.11 -20.28
N LEU A 238 4.38 -3.33 -20.17
CA LEU A 238 5.73 -3.91 -20.26
C LEU A 238 6.00 -4.81 -19.06
N ILE A 239 5.59 -4.37 -17.86
CA ILE A 239 5.77 -5.20 -16.67
C ILE A 239 4.98 -6.50 -16.81
N ARG A 240 3.71 -6.43 -17.23
CA ARG A 240 2.94 -7.65 -17.46
C ARG A 240 3.63 -8.57 -18.48
N ASN A 241 4.27 -8.00 -19.49
CA ASN A 241 4.90 -8.83 -20.51
C ASN A 241 6.17 -9.50 -19.99
N LEU A 242 6.95 -8.77 -19.17
CA LEU A 242 8.12 -9.35 -18.51
C LEU A 242 7.75 -10.47 -17.55
N LEU A 243 6.65 -10.30 -16.81
CA LEU A 243 6.21 -11.34 -15.91
C LEU A 243 5.89 -12.59 -16.69
N GLY A 244 5.24 -12.42 -17.83
CA GLY A 244 4.98 -13.50 -18.73
C GLY A 244 4.07 -14.54 -18.11
N PRO A 245 3.95 -15.67 -18.80
CA PRO A 245 3.11 -16.74 -18.26
C PRO A 245 3.53 -17.20 -16.89
N ARG A 246 4.83 -17.26 -16.57
CA ARG A 246 5.19 -17.73 -15.24
C ARG A 246 4.77 -16.75 -14.15
N GLY A 247 4.75 -15.46 -14.46
CA GLY A 247 4.33 -14.45 -13.50
C GLY A 247 2.90 -13.95 -13.65
N ARG A 248 2.02 -14.74 -14.30
CA ARG A 248 0.68 -14.25 -14.63
C ARG A 248 -0.18 -13.98 -13.41
N HIS A 249 0.17 -14.56 -12.25
CA HIS A 249 -0.63 -14.44 -11.03
C HIS A 249 -0.09 -13.38 -10.08
N ILE A 250 0.99 -12.71 -10.48
CA ILE A 250 1.58 -11.60 -9.74
C ILE A 250 0.86 -10.32 -10.16
N LYS A 251 0.33 -9.61 -9.18
CA LYS A 251 -0.41 -8.36 -9.39
C LYS A 251 0.52 -7.16 -9.57
N ILE A 252 0.17 -6.30 -10.53
CA ILE A 252 1.00 -5.11 -10.78
C ILE A 252 0.36 -3.91 -10.13
N ILE A 253 1.10 -3.28 -9.20
CA ILE A 253 0.63 -2.10 -8.48
C ILE A 253 1.48 -0.88 -8.85
N PRO A 254 1.11 -0.08 -9.84
CA PRO A 254 1.91 1.13 -10.12
C PRO A 254 1.91 2.09 -8.95
N LYS A 255 3.07 2.69 -8.71
CA LYS A 255 3.22 3.77 -7.73
C LYS A 255 3.10 5.10 -8.46
N ILE A 256 2.14 5.93 -8.02
CA ILE A 256 1.89 7.24 -8.61
C ILE A 256 2.66 8.26 -7.78
N GLU A 257 3.74 8.81 -8.35
CA GLU A 257 4.63 9.71 -7.62
C GLU A 257 5.29 10.73 -8.54
N ASN A 258 4.67 11.07 -9.67
CA ASN A 258 5.19 12.18 -10.44
C ASN A 258 4.08 12.72 -11.32
N ILE A 259 4.38 13.83 -12.00
CA ILE A 259 3.35 14.52 -12.77
C ILE A 259 2.82 13.62 -13.88
N GLU A 260 3.70 12.86 -14.53
CA GLU A 260 3.21 12.05 -15.65
C GLU A 260 2.23 11.01 -15.15
N GLY A 261 2.51 10.42 -13.98
CA GLY A 261 1.60 9.43 -13.44
C GLY A 261 0.25 10.04 -13.08
N ILE A 262 0.23 11.32 -12.69
CA ILE A 262 -1.05 12.00 -12.43
C ILE A 262 -1.81 12.24 -13.74
N ILE A 263 -1.12 12.79 -14.74
CA ILE A 263 -1.77 13.11 -16.02
C ILE A 263 -2.37 11.87 -16.66
N HIS A 264 -1.67 10.74 -16.59
CA HIS A 264 -2.08 9.53 -17.27
C HIS A 264 -2.73 8.53 -16.32
N PHE A 265 -3.20 9.02 -15.16
CA PHE A 265 -3.69 8.11 -14.13
C PHE A 265 -4.82 7.24 -14.63
N ASP A 266 -5.76 7.78 -15.41
CA ASP A 266 -6.90 6.95 -15.79
C ASP A 266 -6.49 5.74 -16.62
N LYS A 267 -5.57 5.93 -17.58
CA LYS A 267 -5.05 4.83 -18.41
C LYS A 267 -4.14 3.91 -17.63
N ILE A 268 -3.34 4.46 -16.73
CA ILE A 268 -2.53 3.61 -15.85
C ILE A 268 -3.44 2.73 -15.02
N LEU A 269 -4.50 3.31 -14.47
CA LEU A 269 -5.39 2.55 -13.62
C LEU A 269 -6.05 1.42 -14.38
N ALA A 270 -6.43 1.67 -15.63
CA ALA A 270 -7.16 0.65 -16.39
C ALA A 270 -6.31 -0.58 -16.62
N GLU A 271 -5.01 -0.38 -16.77
CA GLU A 271 -4.10 -1.48 -17.00
C GLU A 271 -3.66 -2.13 -15.69
N SER A 272 -3.85 -1.46 -14.56
CA SER A 272 -3.26 -1.88 -13.30
C SER A 272 -4.13 -2.88 -12.56
N ASP A 273 -3.51 -3.60 -11.59
CA ASP A 273 -4.28 -4.39 -10.63
C ASP A 273 -4.59 -3.62 -9.35
N GLY A 274 -4.18 -2.38 -9.26
CA GLY A 274 -4.30 -1.57 -8.06
C GLY A 274 -3.23 -0.52 -8.12
N ILE A 275 -3.25 0.38 -7.14
CA ILE A 275 -2.45 1.59 -7.15
C ILE A 275 -1.80 1.77 -5.78
N MET A 276 -0.57 2.31 -5.75
CA MET A 276 0.00 2.82 -4.50
C MET A 276 0.13 4.35 -4.59
N ILE A 277 -0.44 5.10 -3.64
CA ILE A 277 -0.28 6.56 -3.60
C ILE A 277 1.07 6.84 -2.96
N ALA A 278 2.10 7.14 -3.76
CA ALA A 278 3.45 7.25 -3.22
C ALA A 278 3.71 8.71 -2.80
N ARG A 279 3.19 9.08 -1.60
CA ARG A 279 3.05 10.50 -1.22
C ARG A 279 4.40 11.22 -1.02
N GLY A 280 5.46 10.49 -0.69
CA GLY A 280 6.74 11.11 -0.42
C GLY A 280 7.26 11.78 -1.68
N ASP A 281 7.49 10.97 -2.72
CA ASP A 281 7.95 11.53 -3.99
C ASP A 281 6.90 12.42 -4.63
N LEU A 282 5.62 12.06 -4.51
CA LEU A 282 4.59 12.90 -5.13
C LEU A 282 4.63 14.30 -4.57
N GLY A 283 4.79 14.42 -3.24
CA GLY A 283 4.89 15.74 -2.66
C GLY A 283 6.11 16.51 -3.12
N MET A 284 7.19 15.82 -3.48
CA MET A 284 8.33 16.58 -3.98
C MET A 284 8.23 16.92 -5.46
N GLU A 285 7.40 16.20 -6.23
CA GLU A 285 7.26 16.44 -7.66
C GLU A 285 6.18 17.46 -7.98
N ILE A 286 5.06 17.38 -7.26
CA ILE A 286 4.04 18.43 -7.19
C ILE A 286 4.21 19.05 -5.79
N SER A 287 3.77 20.26 -5.58
CA SER A 287 4.13 20.80 -4.26
C SER A 287 3.36 20.04 -3.14
N PRO A 288 3.86 20.09 -1.90
CA PRO A 288 3.21 19.31 -0.83
C PRO A 288 1.75 19.64 -0.60
N GLU A 289 1.36 20.91 -0.75
CA GLU A 289 -0.02 21.31 -0.49
C GLU A 289 -1.00 20.65 -1.43
N LYS A 290 -0.52 20.09 -2.56
CA LYS A 290 -1.41 19.46 -3.54
C LYS A 290 -1.65 17.99 -3.28
N VAL A 291 -0.85 17.37 -2.42
CA VAL A 291 -0.84 15.92 -2.35
C VAL A 291 -2.17 15.38 -1.87
N PHE A 292 -2.87 16.11 -1.00
CA PHE A 292 -4.14 15.60 -0.48
C PHE A 292 -5.19 15.57 -1.58
N LEU A 293 -5.09 16.49 -2.53
CA LEU A 293 -5.98 16.46 -3.69
C LEU A 293 -5.76 15.20 -4.48
N ALA A 294 -4.50 14.91 -4.80
CA ALA A 294 -4.18 13.70 -5.54
C ALA A 294 -4.60 12.43 -4.80
N GLN A 295 -4.36 12.36 -3.50
CA GLN A 295 -4.78 11.20 -2.73
C GLN A 295 -6.30 10.97 -2.81
N LYS A 296 -7.08 12.01 -2.55
CA LYS A 296 -8.53 11.78 -2.46
C LYS A 296 -9.11 11.47 -3.83
N LEU A 297 -8.57 12.09 -4.88
CA LEU A 297 -9.06 11.78 -6.24
C LEU A 297 -8.69 10.36 -6.65
N MET A 298 -7.43 9.94 -6.48
CA MET A 298 -7.09 8.53 -6.80
C MET A 298 -7.91 7.54 -6.04
N ILE A 299 -8.14 7.77 -4.73
CA ILE A 299 -8.95 6.84 -3.96
C ILE A 299 -10.35 6.77 -4.53
N SER A 300 -10.94 7.93 -4.82
CA SER A 300 -12.29 7.95 -5.36
C SER A 300 -12.36 7.17 -6.68
N LYS A 301 -11.42 7.44 -7.60
CA LYS A 301 -11.42 6.73 -8.87
C LYS A 301 -11.18 5.23 -8.69
N CYS A 302 -10.24 4.86 -7.80
CA CYS A 302 -10.00 3.44 -7.59
C CYS A 302 -11.24 2.77 -7.00
N ASN A 303 -11.89 3.44 -6.05
CA ASN A 303 -13.09 2.88 -5.43
C ASN A 303 -14.17 2.63 -6.49
N LEU A 304 -14.39 3.59 -7.36
CA LEU A 304 -15.43 3.45 -8.39
C LEU A 304 -15.12 2.31 -9.35
N GLN A 305 -13.84 2.07 -9.65
CA GLN A 305 -13.42 0.99 -10.52
CA GLN A 305 -13.44 0.99 -10.54
C GLN A 305 -13.28 -0.35 -9.81
N GLY A 306 -13.36 -0.41 -8.48
CA GLY A 306 -13.11 -1.67 -7.83
C GLY A 306 -11.65 -2.08 -7.81
N LYS A 307 -10.74 -1.14 -8.02
CA LYS A 307 -9.28 -1.38 -7.98
C LYS A 307 -8.74 -1.03 -6.60
N PRO A 308 -8.03 -1.93 -5.94
CA PRO A 308 -7.54 -1.64 -4.58
C PRO A 308 -6.47 -0.55 -4.59
N ILE A 309 -6.39 0.23 -3.50
CA ILE A 309 -5.42 1.31 -3.44
C ILE A 309 -4.73 1.29 -2.08
N ILE A 310 -3.43 1.56 -2.08
CA ILE A 310 -2.62 1.65 -0.88
C ILE A 310 -2.26 3.11 -0.67
N THR A 311 -2.50 3.64 0.52
CA THR A 311 -2.06 5.00 0.82
C THR A 311 -0.72 4.87 1.54
N ALA A 312 0.30 5.58 1.02
CA ALA A 312 1.64 5.38 1.56
C ALA A 312 2.32 6.68 2.00
N THR A 313 3.18 6.51 3.02
CA THR A 313 4.31 7.38 3.33
C THR A 313 4.02 8.48 4.35
N GLN A 314 4.74 8.43 5.48
CA GLN A 314 4.70 9.41 6.57
C GLN A 314 3.37 9.45 7.31
N MET A 315 2.68 8.32 7.29
CA MET A 315 1.39 8.16 7.98
C MET A 315 1.57 8.33 9.52
N LEU A 316 2.59 7.68 10.09
CA LEU A 316 2.90 7.71 11.52
C LEU A 316 4.38 8.03 11.74
N GLU A 317 4.91 8.90 10.88
CA GLU A 317 6.37 9.13 10.78
C GLU A 317 7.02 9.40 12.13
N SER A 318 6.44 10.27 12.95
CA SER A 318 7.12 10.59 14.23
C SER A 318 7.32 9.36 15.10
N MET A 319 6.57 8.27 14.86
CA MET A 319 6.80 7.09 15.68
C MET A 319 8.06 6.33 15.31
N THR A 320 8.86 6.82 14.35
CA THR A 320 10.21 6.30 14.22
C THR A 320 11.03 6.63 15.47
N LYS A 321 10.62 7.69 16.19
CA LYS A 321 11.36 8.15 17.37
C LYS A 321 10.54 8.24 18.64
N ASN A 322 9.23 8.33 18.54
CA ASN A 322 8.38 8.57 19.68
C ASN A 322 7.39 7.41 19.81
N PRO A 323 6.99 7.10 21.03
CA PRO A 323 6.11 5.97 21.26
C PRO A 323 4.67 6.28 20.91
N ARG A 324 4.33 7.55 20.72
CA ARG A 324 2.97 7.90 20.31
C ARG A 324 3.01 8.84 19.11
N PRO A 325 2.00 8.82 18.26
CA PRO A 325 2.00 9.67 17.06
C PRO A 325 1.52 11.08 17.36
N THR A 326 1.71 11.98 16.39
CA THR A 326 1.20 13.32 16.58
C THR A 326 -0.31 13.33 16.29
N ARG A 327 -0.95 14.46 16.58
CA ARG A 327 -2.39 14.56 16.30
C ARG A 327 -2.66 14.54 14.79
N ALA A 328 -1.75 15.10 14.00
CA ALA A 328 -1.93 15.07 12.54
C ALA A 328 -1.77 13.67 11.95
N GLU A 329 -0.86 12.89 12.51
CA GLU A 329 -0.67 11.51 12.11
C GLU A 329 -1.90 10.65 12.41
N VAL A 330 -2.58 10.90 13.56
CA VAL A 330 -3.78 10.14 13.84
C VAL A 330 -4.82 10.47 12.78
N THR A 331 -5.06 11.77 12.54
CA THR A 331 -6.13 12.08 11.57
C THR A 331 -5.74 11.59 10.19
N ASP A 332 -4.44 11.49 9.88
CA ASP A 332 -4.04 11.06 8.53
C ASP A 332 -4.44 9.62 8.27
N VAL A 333 -4.28 8.74 9.28
CA VAL A 333 -4.67 7.35 9.11
C VAL A 333 -6.19 7.26 9.04
N ALA A 334 -6.89 7.94 9.96
CA ALA A 334 -8.35 7.84 9.99
C ALA A 334 -8.95 8.38 8.70
N ASN A 335 -8.45 9.54 8.24
CA ASN A 335 -8.99 10.14 7.02
C ASN A 335 -8.70 9.32 5.79
N ALA A 336 -7.54 8.65 5.75
CA ALA A 336 -7.27 7.77 4.60
C ALA A 336 -8.28 6.62 4.58
N VAL A 337 -8.65 6.10 5.76
CA VAL A 337 -9.73 5.11 5.86
C VAL A 337 -11.05 5.72 5.40
N LEU A 338 -11.39 6.89 5.95
CA LEU A 338 -12.69 7.50 5.60
C LEU A 338 -12.74 7.92 4.14
N ASP A 339 -11.58 8.28 3.57
CA ASP A 339 -11.53 8.57 2.12
C ASP A 339 -11.90 7.35 1.28
N GLY A 340 -11.60 6.13 1.76
CA GLY A 340 -11.88 4.88 1.07
C GLY A 340 -10.65 4.01 0.75
N THR A 341 -9.53 4.23 1.40
CA THR A 341 -8.36 3.45 1.03
C THR A 341 -8.57 1.98 1.39
N ASP A 342 -7.97 1.09 0.61
CA ASP A 342 -8.03 -0.31 1.02
C ASP A 342 -6.95 -0.64 2.06
N CYS A 343 -5.73 -0.18 1.80
CA CYS A 343 -4.54 -0.36 2.65
C CYS A 343 -3.93 0.99 3.06
N VAL A 344 -3.24 0.96 4.21
CA VAL A 344 -2.38 2.03 4.67
C VAL A 344 -1.02 1.37 4.86
N MET A 345 0.01 2.18 4.89
CA MET A 345 1.35 1.65 4.77
C MET A 345 2.26 2.32 5.81
N LEU A 346 3.27 1.56 6.27
CA LEU A 346 4.36 2.03 7.11
C LEU A 346 5.69 1.77 6.40
N SER A 347 6.60 2.70 6.54
CA SER A 347 7.86 2.63 5.84
C SER A 347 8.95 2.60 6.90
N GLY A 348 9.56 3.75 7.24
CA GLY A 348 10.58 3.69 8.30
C GLY A 348 10.01 3.37 9.67
N GLU A 349 8.69 3.60 9.87
CA GLU A 349 8.12 3.30 11.18
C GLU A 349 8.30 1.82 11.52
N THR A 350 8.28 0.92 10.53
CA THR A 350 8.57 -0.49 10.78
C THR A 350 9.96 -0.92 10.33
N ALA A 351 10.53 -0.31 9.29
CA ALA A 351 11.78 -0.81 8.73
C ALA A 351 12.99 -0.41 9.58
N GLY A 352 12.94 0.75 10.23
CA GLY A 352 14.14 1.20 10.91
C GLY A 352 13.92 2.01 12.16
N GLY A 353 12.67 2.15 12.61
CA GLY A 353 12.36 3.00 13.75
C GLY A 353 12.51 2.25 15.06
N LYS A 354 12.32 2.99 16.16
CA LYS A 354 12.43 2.41 17.49
C LYS A 354 11.13 1.81 18.03
N PHE A 355 9.99 1.99 17.37
CA PHE A 355 8.71 1.49 17.90
C PHE A 355 7.89 0.81 16.80
N PRO A 356 8.40 -0.29 16.22
CA PRO A 356 7.70 -0.89 15.07
C PRO A 356 6.41 -1.57 15.47
N VAL A 357 6.43 -2.36 16.56
CA VAL A 357 5.19 -3.02 17.00
C VAL A 357 4.16 -1.97 17.44
N GLU A 358 4.62 -0.93 18.17
CA GLU A 358 3.69 0.12 18.60
C GLU A 358 3.05 0.85 17.40
N ALA A 359 3.83 1.14 16.37
CA ALA A 359 3.29 1.84 15.21
C ALA A 359 2.23 0.99 14.53
N VAL A 360 2.50 -0.31 14.33
CA VAL A 360 1.47 -1.15 13.69
C VAL A 360 0.25 -1.26 14.60
N THR A 361 0.49 -1.36 15.91
CA THR A 361 -0.62 -1.45 16.86
C THR A 361 -1.51 -0.22 16.81
N ILE A 362 -0.93 0.99 16.87
CA ILE A 362 -1.82 2.14 16.92
C ILE A 362 -2.48 2.36 15.56
N MET A 363 -1.78 2.04 14.48
CA MET A 363 -2.40 2.08 13.13
C MET A 363 -3.67 1.25 13.06
N SER A 364 -3.59 -0.03 13.46
CA SER A 364 -4.76 -0.88 13.58
C SER A 364 -5.85 -0.25 14.46
N LYS A 365 -5.48 0.34 15.61
CA LYS A 365 -6.51 0.91 16.49
C LYS A 365 -7.21 2.12 15.84
N ILE A 366 -6.46 2.95 15.12
CA ILE A 366 -7.10 4.06 14.43
C ILE A 366 -8.01 3.54 13.35
N CYS A 367 -7.52 2.55 12.59
CA CYS A 367 -8.38 1.95 11.55
C CYS A 367 -9.70 1.48 12.13
N LEU A 368 -9.63 0.76 13.26
CA LEU A 368 -10.85 0.24 13.86
C LEU A 368 -11.81 1.35 14.25
N GLU A 369 -11.30 2.46 14.80
CA GLU A 369 -12.18 3.58 15.14
C GLU A 369 -12.81 4.21 13.90
N ALA A 370 -12.00 4.42 12.85
CA ALA A 370 -12.56 5.01 11.63
C ALA A 370 -13.56 4.07 10.97
N GLU A 371 -13.27 2.76 10.95
CA GLU A 371 -14.22 1.82 10.32
C GLU A 371 -15.53 1.80 11.09
N ALA A 372 -15.46 1.90 12.43
CA ALA A 372 -16.66 1.75 13.25
C ALA A 372 -17.63 2.93 13.17
N CYS A 373 -17.14 4.15 12.95
CA CYS A 373 -18.01 5.33 12.88
C CYS A 373 -18.72 5.53 11.53
N ILE A 374 -18.36 4.76 10.48
CA ILE A 374 -18.93 4.94 9.14
C ILE A 374 -20.41 4.59 9.10
N ASP A 375 -21.20 5.38 8.39
CA ASP A 375 -22.59 5.01 8.07
C ASP A 375 -22.57 4.15 6.80
N TYR A 376 -22.67 2.84 6.97
CA TYR A 376 -22.50 1.96 5.82
C TYR A 376 -23.72 1.93 4.93
N LYS A 377 -24.86 2.39 5.43
CA LYS A 377 -26.03 2.53 4.56
C LYS A 377 -25.78 3.60 3.52
N LEU A 378 -25.33 4.77 3.95
CA LEU A 378 -25.09 5.87 3.02
C LEU A 378 -23.94 5.57 2.08
N LEU A 379 -22.88 4.94 2.60
CA LEU A 379 -21.75 4.53 1.77
C LEU A 379 -22.20 3.64 0.64
N TYR A 380 -22.96 2.58 0.96
CA TYR A 380 -23.45 1.69 -0.08
C TYR A 380 -24.30 2.44 -1.10
N GLN A 381 -25.24 3.27 -0.63
CA GLN A 381 -26.07 4.01 -1.59
C GLN A 381 -25.25 4.94 -2.48
N SER A 382 -24.25 5.60 -1.90
CA SER A 382 -23.44 6.51 -2.71
C SER A 382 -22.60 5.76 -3.74
N LEU A 383 -22.18 4.51 -3.45
CA LEU A 383 -21.46 3.73 -4.46
C LEU A 383 -22.39 3.31 -5.59
N VAL A 384 -23.57 2.78 -5.24
CA VAL A 384 -24.49 2.36 -6.29
C VAL A 384 -24.98 3.56 -7.09
N ASN A 385 -25.16 4.72 -6.44
CA ASN A 385 -25.58 5.93 -7.15
C ASN A 385 -24.55 6.36 -8.19
N ALA A 386 -23.29 6.00 -7.98
CA ALA A 386 -22.22 6.48 -8.85
C ALA A 386 -21.80 5.48 -9.93
N ILE A 387 -22.42 4.30 -10.01
CA ILE A 387 -22.04 3.28 -10.98
C ILE A 387 -23.17 3.06 -11.99
N GLU A 388 -22.80 3.07 -13.26
CA GLU A 388 -23.75 2.86 -14.35
C GLU A 388 -24.28 1.43 -14.32
N THR A 389 -25.57 1.28 -14.61
CA THR A 389 -26.25 0.00 -14.79
C THR A 389 -26.81 -0.04 -16.21
N PRO A 390 -27.04 -1.24 -16.78
CA PRO A 390 -26.81 -2.58 -16.21
C PRO A 390 -25.32 -2.89 -15.93
N ILE A 391 -25.13 -3.67 -14.88
CA ILE A 391 -23.84 -4.22 -14.54
C ILE A 391 -23.92 -5.71 -14.81
N SER A 392 -22.78 -6.37 -14.75
CA SER A 392 -22.71 -7.82 -14.90
C SER A 392 -23.47 -8.54 -13.80
N VAL A 393 -23.91 -9.75 -14.12
CA VAL A 393 -24.60 -10.56 -13.15
C VAL A 393 -23.71 -10.72 -11.92
N GLN A 394 -22.41 -10.96 -12.12
CA GLN A 394 -21.49 -11.20 -11.02
C GLN A 394 -21.45 -9.99 -10.08
N GLU A 395 -21.27 -8.79 -10.66
CA GLU A 395 -21.23 -7.59 -9.83
C GLU A 395 -22.55 -7.32 -9.11
N ALA A 396 -23.69 -7.59 -9.79
CA ALA A 396 -24.97 -7.34 -9.12
C ALA A 396 -25.21 -8.29 -7.96
N VAL A 397 -24.82 -9.56 -8.08
CA VAL A 397 -24.97 -10.47 -6.95
C VAL A 397 -24.04 -10.06 -5.80
N ALA A 398 -22.82 -9.65 -6.14
CA ALA A 398 -21.87 -9.24 -5.06
C ALA A 398 -22.40 -8.02 -4.32
N ARG A 399 -22.93 -7.04 -5.06
CA ARG A 399 -23.53 -5.86 -4.48
C ARG A 399 -24.72 -6.25 -3.59
N SER A 400 -25.51 -7.25 -4.02
CA SER A 400 -26.64 -7.72 -3.21
CA SER A 400 -26.63 -7.64 -3.17
C SER A 400 -26.17 -8.37 -1.91
N ALA A 401 -25.05 -9.07 -1.95
CA ALA A 401 -24.55 -9.68 -0.72
C ALA A 401 -24.27 -8.61 0.31
N VAL A 402 -23.67 -7.48 -0.12
CA VAL A 402 -23.37 -6.38 0.78
C VAL A 402 -24.65 -5.74 1.29
N GLU A 403 -25.57 -5.38 0.40
CA GLU A 403 -26.79 -4.74 0.87
C GLU A 403 -27.59 -5.64 1.79
N THR A 404 -27.62 -6.93 1.49
CA THR A 404 -28.36 -7.83 2.36
C THR A 404 -27.68 -7.88 3.73
N ALA A 405 -26.35 -8.02 3.74
CA ALA A 405 -25.63 -8.12 5.02
C ALA A 405 -25.87 -6.89 5.87
N GLU A 406 -25.87 -5.72 5.25
CA GLU A 406 -26.12 -4.51 6.01
C GLU A 406 -27.55 -4.43 6.50
N SER A 407 -28.50 -4.91 5.69
CA SER A 407 -29.91 -4.82 6.07
C SER A 407 -30.25 -5.69 7.27
N ILE A 408 -29.56 -6.82 7.47
CA ILE A 408 -29.86 -7.69 8.59
C ILE A 408 -28.77 -7.69 9.64
N GLN A 409 -27.72 -6.90 9.45
CA GLN A 409 -26.58 -6.84 10.37
C GLN A 409 -25.91 -8.21 10.50
N ALA A 410 -25.64 -8.81 9.36
CA ALA A 410 -24.92 -10.06 9.28
C ALA A 410 -23.50 -9.85 9.81
N SER A 411 -22.93 -10.88 10.37
CA SER A 411 -21.56 -10.74 10.89
C SER A 411 -20.49 -11.09 9.88
N LEU A 412 -20.84 -11.67 8.72
CA LEU A 412 -19.84 -11.92 7.69
C LEU A 412 -20.49 -12.30 6.38
N ILE A 413 -19.70 -12.16 5.34
CA ILE A 413 -20.01 -12.61 3.98
C ILE A 413 -18.96 -13.63 3.60
N ILE A 414 -19.40 -14.86 3.32
CA ILE A 414 -18.52 -15.93 2.87
C ILE A 414 -18.54 -15.97 1.36
N ALA A 415 -17.37 -15.96 0.75
CA ALA A 415 -17.27 -15.94 -0.71
C ALA A 415 -16.43 -17.13 -1.18
N LEU A 416 -17.05 -18.03 -1.93
CA LEU A 416 -16.30 -19.11 -2.56
C LEU A 416 -15.72 -18.58 -3.86
N THR A 417 -14.39 -18.57 -3.99
CA THR A 417 -13.82 -17.93 -5.15
C THR A 417 -12.53 -18.64 -5.60
N GLU A 418 -12.51 -19.04 -6.86
CA GLU A 418 -11.33 -19.66 -7.46
C GLU A 418 -10.25 -18.61 -7.69
N THR A 419 -10.58 -17.59 -8.47
CA THR A 419 -9.66 -16.54 -8.89
C THR A 419 -9.62 -15.32 -7.97
N GLY A 420 -10.56 -15.21 -7.04
CA GLY A 420 -10.68 -14.01 -6.24
C GLY A 420 -11.68 -13.00 -6.78
N TYR A 421 -12.12 -13.15 -8.04
CA TYR A 421 -12.95 -12.13 -8.66
C TYR A 421 -14.20 -11.83 -7.84
N THR A 422 -14.88 -12.86 -7.34
CA THR A 422 -16.08 -12.63 -6.52
C THR A 422 -15.72 -11.81 -5.29
N ALA A 423 -14.61 -12.13 -4.64
CA ALA A 423 -14.27 -11.39 -3.42
C ALA A 423 -13.96 -9.95 -3.74
N ARG A 424 -13.27 -9.67 -4.85
CA ARG A 424 -12.95 -8.30 -5.23
C ARG A 424 -14.23 -7.49 -5.47
N LEU A 425 -15.21 -8.12 -6.09
CA LEU A 425 -16.46 -7.42 -6.39
C LEU A 425 -17.23 -7.11 -5.11
N ILE A 426 -17.22 -8.05 -4.14
CA ILE A 426 -17.85 -7.74 -2.86
C ILE A 426 -17.11 -6.60 -2.18
N ALA A 427 -15.76 -6.65 -2.20
CA ALA A 427 -14.98 -5.62 -1.52
C ALA A 427 -15.20 -4.25 -2.12
N LYS A 428 -15.51 -4.20 -3.42
CA LYS A 428 -15.80 -2.92 -4.06
C LYS A 428 -16.97 -2.21 -3.39
N TYR A 429 -17.91 -2.96 -2.81
CA TYR A 429 -19.07 -2.33 -2.19
C TYR A 429 -18.90 -2.13 -0.68
N LYS A 430 -17.67 -2.31 -0.16
CA LYS A 430 -17.29 -1.87 1.17
C LYS A 430 -18.26 -2.28 2.30
N PRO A 431 -18.45 -3.59 2.52
CA PRO A 431 -19.37 -4.04 3.57
C PRO A 431 -18.89 -3.64 4.96
N SER A 432 -19.83 -3.43 5.88
CA SER A 432 -19.41 -3.27 7.29
C SER A 432 -18.76 -4.53 7.85
N CYS A 433 -19.10 -5.72 7.33
CA CYS A 433 -18.60 -6.95 7.92
C CYS A 433 -17.45 -7.51 7.12
N THR A 434 -16.73 -8.46 7.73
CA THR A 434 -15.63 -9.13 7.07
C THR A 434 -16.10 -9.97 5.88
N ILE A 435 -15.28 -10.01 4.85
CA ILE A 435 -15.47 -10.90 3.71
C ILE A 435 -14.54 -12.08 3.91
N LEU A 436 -15.09 -13.25 4.21
CA LEU A 436 -14.29 -14.48 4.32
C LEU A 436 -14.24 -15.19 2.98
N ALA A 437 -13.12 -15.05 2.28
CA ALA A 437 -12.96 -15.65 0.96
C ALA A 437 -12.35 -17.04 1.12
N LEU A 438 -12.99 -18.04 0.53
CA LEU A 438 -12.41 -19.37 0.46
C LEU A 438 -11.90 -19.68 -0.94
N SER A 439 -10.66 -20.17 -1.03
CA SER A 439 -10.09 -20.50 -2.31
C SER A 439 -9.13 -21.68 -2.19
N ALA A 440 -9.05 -22.48 -3.27
CA ALA A 440 -8.08 -23.56 -3.41
C ALA A 440 -6.76 -23.08 -3.99
N SER A 441 -6.69 -21.84 -4.46
CA SER A 441 -5.48 -21.30 -5.06
C SER A 441 -4.61 -20.58 -4.04
N ASP A 442 -3.31 -20.93 -4.01
CA ASP A 442 -2.38 -20.26 -3.09
C ASP A 442 -2.16 -18.82 -3.50
N SER A 443 -2.13 -18.56 -4.79
CA SER A 443 -1.97 -17.19 -5.25
C SER A 443 -3.17 -16.34 -4.83
N THR A 444 -4.37 -16.88 -4.95
CA THR A 444 -5.55 -16.07 -4.65
C THR A 444 -5.61 -15.70 -3.18
N VAL A 445 -5.32 -16.65 -2.29
CA VAL A 445 -5.51 -16.35 -0.86
C VAL A 445 -4.48 -15.33 -0.38
N LYS A 446 -3.37 -15.14 -1.09
CA LYS A 446 -2.42 -14.11 -0.67
C LYS A 446 -2.63 -12.78 -1.38
N CYS A 447 -3.04 -12.80 -2.65
CA CYS A 447 -3.23 -11.59 -3.44
CA CYS A 447 -3.13 -11.51 -3.30
C CYS A 447 -4.43 -10.78 -2.98
N LEU A 448 -5.41 -11.45 -2.40
CA LEU A 448 -6.63 -10.75 -2.00
C LEU A 448 -6.38 -9.83 -0.82
N ASN A 449 -5.21 -9.94 -0.17
CA ASN A 449 -4.89 -9.12 0.99
C ASN A 449 -4.87 -7.63 0.67
N VAL A 450 -4.75 -7.25 -0.61
CA VAL A 450 -4.69 -5.82 -0.92
C VAL A 450 -6.09 -5.20 -0.94
N HIS A 451 -7.15 -5.99 -0.85
CA HIS A 451 -8.51 -5.47 -0.84
C HIS A 451 -9.01 -5.34 0.58
N ARG A 452 -9.67 -4.21 0.89
CA ARG A 452 -10.24 -3.96 2.20
C ARG A 452 -11.22 -5.05 2.60
N GLY A 453 -11.10 -5.52 3.84
CA GLY A 453 -12.11 -6.38 4.43
C GLY A 453 -12.05 -7.84 4.02
N VAL A 454 -11.17 -8.22 3.11
CA VAL A 454 -11.08 -9.61 2.68
C VAL A 454 -10.05 -10.36 3.51
N THR A 455 -10.49 -11.44 4.17
CA THR A 455 -9.59 -12.42 4.78
CA THR A 455 -9.62 -12.43 4.82
C THR A 455 -9.81 -13.80 4.16
N CYS A 456 -8.72 -14.47 3.80
CA CYS A 456 -8.84 -15.71 3.07
C CYS A 456 -8.49 -16.96 3.84
N ILE A 457 -9.14 -18.04 3.44
CA ILE A 457 -8.83 -19.38 3.92
C ILE A 457 -8.54 -20.28 2.73
N LYS A 458 -7.41 -20.97 2.76
CA LYS A 458 -7.19 -21.99 1.76
C LYS A 458 -8.05 -23.21 2.05
N VAL A 459 -8.76 -23.70 1.02
CA VAL A 459 -9.62 -24.86 1.16
C VAL A 459 -9.12 -25.91 0.19
N GLY A 460 -9.47 -27.17 0.47
CA GLY A 460 -9.17 -28.22 -0.47
C GLY A 460 -10.04 -28.20 -1.71
N SER A 461 -11.32 -27.86 -1.55
CA SER A 461 -12.25 -27.97 -2.67
C SER A 461 -13.55 -27.28 -2.33
N PHE A 462 -14.38 -27.09 -3.36
CA PHE A 462 -15.72 -26.54 -3.23
C PHE A 462 -16.81 -27.59 -3.34
N GLN A 463 -16.45 -28.88 -3.38
CA GLN A 463 -17.44 -29.94 -3.53
C GLN A 463 -18.29 -30.08 -2.29
N GLY A 464 -19.59 -30.26 -2.51
CA GLY A 464 -20.52 -30.17 -1.40
C GLY A 464 -20.49 -28.75 -0.88
N THR A 465 -21.05 -27.83 -1.66
CA THR A 465 -21.01 -26.43 -1.27
C THR A 465 -21.72 -26.23 0.06
N ASP A 466 -22.76 -27.01 0.32
CA ASP A 466 -23.47 -26.91 1.59
C ASP A 466 -22.51 -27.09 2.75
N ILE A 467 -21.68 -28.13 2.70
CA ILE A 467 -20.80 -28.42 3.83
C ILE A 467 -19.55 -27.54 3.81
N VAL A 468 -19.04 -27.16 2.64
CA VAL A 468 -17.92 -26.21 2.63
C VAL A 468 -18.35 -24.91 3.31
N ILE A 469 -19.57 -24.46 3.04
CA ILE A 469 -20.10 -23.30 3.73
C ILE A 469 -20.26 -23.59 5.22
N ARG A 470 -20.80 -24.77 5.56
CA ARG A 470 -20.94 -25.08 6.97
C ARG A 470 -19.58 -25.21 7.65
N ASN A 471 -18.55 -25.70 6.93
CA ASN A 471 -17.19 -25.70 7.48
C ASN A 471 -16.70 -24.28 7.74
N ALA A 472 -16.86 -23.40 6.73
CA ALA A 472 -16.44 -22.00 6.89
C ALA A 472 -17.18 -21.32 8.03
N ILE A 473 -18.47 -21.64 8.21
CA ILE A 473 -19.20 -21.13 9.36
C ILE A 473 -18.53 -21.62 10.64
N GLU A 474 -18.14 -22.90 10.69
CA GLU A 474 -17.47 -23.42 11.88
C GLU A 474 -16.17 -22.68 12.15
N ILE A 475 -15.37 -22.44 11.11
CA ILE A 475 -14.13 -21.69 11.31
C ILE A 475 -14.43 -20.30 11.82
N ALA A 476 -15.46 -19.64 11.26
CA ALA A 476 -15.80 -18.29 11.70
C ALA A 476 -16.20 -18.27 13.17
N LYS A 477 -16.98 -19.24 13.65
CA LYS A 477 -17.26 -19.23 15.09
C LYS A 477 -15.99 -19.47 15.90
N GLN A 478 -15.10 -20.33 15.39
CA GLN A 478 -13.86 -20.60 16.13
C GLN A 478 -12.97 -19.37 16.20
N ARG A 479 -13.07 -18.47 15.21
CA ARG A 479 -12.30 -17.23 15.19
C ARG A 479 -13.07 -16.09 15.82
N ASN A 480 -14.20 -16.37 16.45
CA ASN A 480 -15.04 -15.36 17.09
C ASN A 480 -15.46 -14.25 16.11
N MET A 481 -15.62 -14.62 14.84
CA MET A 481 -16.20 -13.70 13.85
C MET A 481 -17.72 -13.79 13.80
N ALA A 482 -18.31 -14.84 14.39
CA ALA A 482 -19.76 -15.00 14.39
C ALA A 482 -20.14 -15.87 15.59
N LYS A 483 -21.39 -15.78 16.00
CA LYS A 483 -21.85 -16.49 17.17
C LYS A 483 -23.29 -16.92 16.92
N VAL A 484 -23.78 -17.80 17.81
CA VAL A 484 -25.17 -18.24 17.70
C VAL A 484 -26.08 -17.03 17.70
N GLY A 485 -27.06 -17.01 16.79
CA GLY A 485 -27.93 -15.86 16.60
C GLY A 485 -27.54 -14.94 15.45
N ASP A 486 -26.30 -15.00 15.00
CA ASP A 486 -25.86 -14.20 13.86
C ASP A 486 -26.39 -14.76 12.54
N SER A 487 -26.49 -13.89 11.55
CA SER A 487 -26.68 -14.32 10.17
C SER A 487 -25.38 -14.20 9.42
N VAL A 488 -25.17 -15.05 8.44
CA VAL A 488 -24.03 -14.90 7.57
C VAL A 488 -24.58 -14.98 6.16
N ILE A 489 -23.89 -14.33 5.23
CA ILE A 489 -24.21 -14.37 3.81
C ILE A 489 -23.18 -15.25 3.13
N ALA A 490 -23.62 -16.12 2.20
CA ALA A 490 -22.68 -16.93 1.41
C ALA A 490 -22.93 -16.69 -0.07
N ILE A 491 -21.87 -16.49 -0.84
CA ILE A 491 -21.93 -16.29 -2.29
C ILE A 491 -21.02 -17.28 -3.00
N HIS A 492 -21.53 -17.87 -4.08
CA HIS A 492 -20.72 -18.71 -4.94
C HIS A 492 -21.40 -18.82 -6.30
N GLY A 493 -20.78 -19.54 -7.22
CA GLY A 493 -21.35 -19.75 -8.55
C GLY A 493 -20.39 -19.69 -9.74
N THR A 502 -20.23 -16.61 -9.48
CA THR A 502 -20.97 -15.55 -8.78
C THR A 502 -22.41 -15.44 -9.27
N ASN A 503 -23.28 -16.38 -8.88
CA ASN A 503 -24.68 -16.25 -9.26
C ASN A 503 -25.60 -16.78 -8.19
N LEU A 504 -25.12 -17.08 -6.99
CA LEU A 504 -26.01 -17.52 -5.94
C LEU A 504 -25.60 -16.85 -4.63
N MET A 505 -26.61 -16.39 -3.88
CA MET A 505 -26.51 -15.84 -2.53
C MET A 505 -27.45 -16.57 -1.57
N LYS A 506 -26.93 -17.00 -0.41
CA LYS A 506 -27.74 -17.68 0.61
C LYS A 506 -27.54 -16.95 1.92
N VAL A 507 -28.58 -16.92 2.74
CA VAL A 507 -28.47 -16.37 4.08
C VAL A 507 -28.70 -17.49 5.05
N VAL A 508 -27.79 -17.64 6.01
CA VAL A 508 -27.81 -18.74 6.97
C VAL A 508 -27.81 -18.12 8.35
N GLN A 509 -28.70 -18.56 9.21
CA GLN A 509 -28.66 -18.16 10.62
C GLN A 509 -27.86 -19.19 11.40
N ILE A 510 -26.99 -18.73 12.28
CA ILE A 510 -26.22 -19.65 13.10
C ILE A 510 -27.05 -20.03 14.32
N GLU A 511 -27.26 -21.33 14.50
CA GLU A 511 -28.05 -21.87 15.59
C GLU A 511 -27.20 -22.76 16.48
N LEU A 512 -27.73 -23.03 17.67
CA LEU A 512 -27.20 -24.09 18.51
C LEU A 512 -27.43 -25.43 17.81
N GLU A 513 -26.45 -26.31 17.85
CA GLU A 513 -26.67 -27.60 17.21
C GLU A 513 -26.37 -28.74 18.18
#